data_6IJN
#
_entry.id   6IJN
#
_cell.length_a   49.912
_cell.length_b   80.086
_cell.length_c   86.792
_cell.angle_alpha   90.00
_cell.angle_beta   90.00
_cell.angle_gamma   90.00
#
_symmetry.space_group_name_H-M   'P 21 21 21'
#
loop_
_entity.id
_entity.type
_entity.pdbx_description
1 polymer 'Adenosine/AMP deaminase family protein'
2 non-polymer "N6-METHYLADENOSINE-5'-MONOPHOSPHATE"
3 water water
#
_entity_poly.entity_id   1
_entity_poly.type   'polypeptide(L)'
_entity_poly.pdbx_seq_one_letter_code
;MGSSHHHHHHHHLEVLFQGPHMEWIQSLPKIELHAHLNGSIRDSTLLELARVLGEKGVIVFADVEHVIQKNDRSLVEVFK
LFDLIHKLTTDHKTVTRITREVVEDFALENVVYLELRTTPKRSDSIGMSKRSYMEAVIQGLRSVSEVDIDFVTASDSQKL
HNAGDGIGRKKIYVRLLLSIDRRETTESAMETVKLALEMRDVGVVGIDLSGNPLVGEWSTFLPALQYAKDNDLHITLHCG
EVPNPKEIQAMLDFKPHRIGHACFFKDEDWTKLKSFRIPVEICLTSNIVTKSISSIDIHHFADLYNAKHPLILCTNDFGV
FSTSLSNEYALAVRSLGLSKSETFALARAAIDATFAEDEVKQQLRFIFDSASPEHV
;
_entity_poly.pdbx_strand_id   A
#
# COMPACT_ATOMS: atom_id res chain seq x y z
N HIS A 21 -18.18 6.18 -18.21
CA HIS A 21 -18.00 5.82 -16.81
C HIS A 21 -16.54 5.51 -16.51
N MET A 22 -16.15 4.25 -16.70
CA MET A 22 -14.80 3.84 -16.32
C MET A 22 -13.73 4.61 -17.08
N GLU A 23 -14.05 5.15 -18.27
CA GLU A 23 -13.04 5.85 -19.06
C GLU A 23 -12.60 7.15 -18.38
N TRP A 24 -13.55 7.95 -17.90
CA TRP A 24 -13.14 9.19 -17.27
C TRP A 24 -12.43 8.90 -15.95
N ILE A 25 -12.87 7.87 -15.23
CA ILE A 25 -12.17 7.50 -13.99
C ILE A 25 -10.74 7.07 -14.31
N GLN A 26 -10.55 6.30 -15.39
CA GLN A 26 -9.19 5.90 -15.75
C GLN A 26 -8.33 7.12 -16.08
N SER A 27 -8.93 8.16 -16.65
CA SER A 27 -8.18 9.36 -17.01
C SER A 27 -7.92 10.30 -15.85
N LEU A 28 -8.65 10.15 -14.75
CA LEU A 28 -8.46 11.00 -13.59
C LEU A 28 -7.03 10.87 -13.05
N PRO A 29 -6.33 11.96 -12.78
CA PRO A 29 -5.07 11.81 -12.02
C PRO A 29 -5.38 11.30 -10.62
N LYS A 30 -4.55 10.37 -10.15
CA LYS A 30 -4.87 9.69 -8.90
C LYS A 30 -3.62 9.54 -8.07
N ILE A 31 -3.84 9.39 -6.76
CA ILE A 31 -2.78 9.26 -5.78
C ILE A 31 -2.98 7.93 -5.07
N GLU A 32 -1.97 7.07 -5.12
CA GLU A 32 -2.04 5.77 -4.45
C GLU A 32 -1.16 5.80 -3.20
N LEU A 33 -1.77 5.58 -2.02
CA LEU A 33 -1.01 5.62 -0.76
C LEU A 33 -0.89 4.26 -0.09
N HIS A 34 -1.50 3.22 -0.62
CA HIS A 34 -1.45 1.94 0.10
C HIS A 34 -1.44 0.83 -0.95
N ALA A 35 -0.23 0.44 -1.34
CA ALA A 35 -0.03 -0.60 -2.35
C ALA A 35 1.23 -1.36 -1.93
N HIS A 36 1.06 -2.65 -1.57
CA HIS A 36 2.19 -3.47 -1.17
C HIS A 36 2.83 -4.07 -2.41
N LEU A 37 4.14 -3.95 -2.52
CA LEU A 37 4.84 -4.38 -3.74
C LEU A 37 4.49 -5.83 -4.10
N ASN A 38 4.69 -6.77 -3.17
CA ASN A 38 4.47 -8.15 -3.56
C ASN A 38 3.00 -8.56 -3.57
N GLY A 39 2.09 -7.65 -3.24
CA GLY A 39 0.67 -7.85 -3.49
C GLY A 39 0.18 -7.24 -4.78
N SER A 40 1.07 -6.65 -5.58
CA SER A 40 0.72 -5.88 -6.77
C SER A 40 1.28 -6.51 -8.04
N ILE A 41 1.58 -7.81 -8.00
CA ILE A 41 2.29 -8.45 -9.10
C ILE A 41 1.30 -8.89 -10.17
N ARG A 42 1.68 -8.71 -11.43
CA ARG A 42 0.88 -9.21 -12.54
C ARG A 42 0.72 -10.72 -12.45
N ASP A 43 -0.49 -11.22 -12.73
CA ASP A 43 -0.68 -12.67 -12.73
C ASP A 43 0.31 -13.36 -13.67
N SER A 44 0.53 -12.78 -14.85
CA SER A 44 1.42 -13.41 -15.82
C SER A 44 2.86 -13.46 -15.31
N THR A 45 3.29 -12.45 -14.53
CA THR A 45 4.62 -12.51 -13.95
C THR A 45 4.70 -13.59 -12.86
N LEU A 46 3.70 -13.66 -11.99
CA LEU A 46 3.74 -14.65 -10.93
C LEU A 46 3.78 -16.05 -11.53
N LEU A 47 2.98 -16.29 -12.56
CA LEU A 47 2.97 -17.63 -13.14
C LEU A 47 4.27 -17.93 -13.88
N GLU A 48 4.86 -16.91 -14.51
CA GLU A 48 6.15 -17.12 -15.16
C GLU A 48 7.25 -17.46 -14.15
N LEU A 49 7.27 -16.74 -13.02
CA LEU A 49 8.23 -17.05 -11.96
C LEU A 49 8.04 -18.46 -11.43
N ALA A 50 6.79 -18.85 -11.22
CA ALA A 50 6.51 -20.21 -10.78
C ALA A 50 7.02 -21.23 -11.80
N ARG A 51 6.74 -21.01 -13.09
CA ARG A 51 7.21 -21.94 -14.12
C ARG A 51 8.72 -22.10 -14.06
N VAL A 52 9.45 -20.98 -13.99
CA VAL A 52 10.90 -21.05 -13.95
C VAL A 52 11.37 -21.83 -12.72
N LEU A 53 10.76 -21.56 -11.56
CA LEU A 53 11.20 -22.22 -10.34
C LEU A 53 10.86 -23.71 -10.36
N GLY A 54 9.78 -24.08 -11.05
CA GLY A 54 9.47 -25.49 -11.23
C GLY A 54 10.45 -26.19 -12.15
N GLU A 55 10.84 -25.51 -13.23
CA GLU A 55 11.84 -26.09 -14.14
C GLU A 55 13.18 -26.29 -13.42
N LYS A 56 13.44 -25.53 -12.37
CA LYS A 56 14.60 -25.75 -11.52
C LYS A 56 14.32 -26.73 -10.39
N GLY A 57 13.06 -27.10 -10.17
CA GLY A 57 12.73 -28.08 -9.17
C GLY A 57 12.57 -27.53 -7.76
N VAL A 58 12.58 -26.22 -7.58
CA VAL A 58 12.36 -25.65 -6.25
C VAL A 58 10.93 -25.90 -5.79
N ILE A 59 9.97 -25.86 -6.72
CA ILE A 59 8.55 -26.04 -6.42
C ILE A 59 7.93 -26.98 -7.44
N VAL A 60 6.78 -27.54 -7.07
CA VAL A 60 5.93 -28.25 -8.02
C VAL A 60 5.00 -27.21 -8.63
N PHE A 61 5.15 -26.96 -9.93
CA PHE A 61 4.40 -25.88 -10.55
C PHE A 61 2.90 -26.09 -10.46
N ALA A 62 2.43 -27.33 -10.60
CA ALA A 62 1.00 -27.57 -10.61
C ALA A 62 0.35 -27.20 -9.27
N ASP A 63 1.00 -27.58 -8.16
CA ASP A 63 0.49 -27.24 -6.84
C ASP A 63 0.47 -25.72 -6.63
N VAL A 64 1.56 -25.04 -7.03
CA VAL A 64 1.63 -23.59 -6.87
C VAL A 64 0.55 -22.90 -7.70
N GLU A 65 0.49 -23.22 -8.99
CA GLU A 65 -0.58 -22.71 -9.84
C GLU A 65 -1.95 -22.96 -9.22
N HIS A 66 -2.11 -24.10 -8.54
CA HIS A 66 -3.37 -24.40 -7.88
C HIS A 66 -3.64 -23.43 -6.74
N VAL A 67 -2.64 -23.17 -5.88
CA VAL A 67 -2.88 -22.30 -4.74
C VAL A 67 -3.15 -20.87 -5.20
N ILE A 68 -2.36 -20.37 -6.16
CA ILE A 68 -2.66 -19.06 -6.74
C ILE A 68 -4.08 -19.05 -7.31
N GLN A 69 -4.54 -20.21 -7.79
CA GLN A 69 -5.84 -20.26 -8.46
C GLN A 69 -7.00 -20.30 -7.47
N LYS A 70 -6.81 -20.99 -6.35
CA LYS A 70 -7.91 -21.47 -5.52
C LYS A 70 -8.00 -20.81 -4.15
N ASN A 71 -6.89 -20.26 -3.65
CA ASN A 71 -6.90 -19.53 -2.38
C ASN A 71 -8.05 -18.53 -2.36
N ASP A 72 -9.00 -18.74 -1.46
CA ASP A 72 -10.20 -17.91 -1.47
C ASP A 72 -9.95 -16.48 -0.98
N ARG A 73 -8.73 -16.18 -0.50
CA ARG A 73 -8.37 -14.84 -0.07
C ARG A 73 -9.24 -14.35 1.07
N SER A 74 -9.82 -15.27 1.86
CA SER A 74 -10.20 -14.90 3.21
C SER A 74 -8.95 -14.39 3.93
N LEU A 75 -9.13 -13.70 5.05
CA LEU A 75 -7.99 -13.09 5.72
C LEU A 75 -6.90 -14.13 6.05
N VAL A 76 -7.30 -15.29 6.59
CA VAL A 76 -6.30 -16.32 6.91
C VAL A 76 -5.61 -16.80 5.65
N GLU A 77 -6.37 -17.03 4.58
CA GLU A 77 -5.78 -17.57 3.36
C GLU A 77 -4.91 -16.55 2.65
N VAL A 78 -5.20 -15.26 2.81
CA VAL A 78 -4.36 -14.23 2.19
C VAL A 78 -2.91 -14.34 2.67
N PHE A 79 -2.69 -14.59 3.96
CA PHE A 79 -1.32 -14.63 4.44
C PHE A 79 -0.61 -15.93 4.05
N LYS A 80 -1.37 -17.00 3.85
CA LYS A 80 -0.77 -18.20 3.26
C LYS A 80 -0.31 -17.90 1.83
N LEU A 81 -1.15 -17.16 1.10
CA LEU A 81 -0.78 -16.77 -0.26
C LEU A 81 0.49 -15.93 -0.26
N PHE A 82 0.64 -15.00 0.68
CA PHE A 82 1.87 -14.22 0.70
C PHE A 82 3.08 -15.08 0.98
N ASP A 83 2.95 -16.10 1.84
CA ASP A 83 4.12 -16.97 2.05
C ASP A 83 4.55 -17.65 0.75
N LEU A 84 3.57 -18.09 -0.05
CA LEU A 84 3.89 -18.66 -1.37
C LEU A 84 4.51 -17.63 -2.32
N ILE A 85 3.89 -16.46 -2.42
CA ILE A 85 4.45 -15.42 -3.29
C ILE A 85 5.90 -15.16 -2.93
N HIS A 86 6.20 -15.05 -1.63
CA HIS A 86 7.56 -14.73 -1.25
C HIS A 86 8.52 -15.83 -1.61
N LYS A 87 8.04 -17.08 -1.63
CA LYS A 87 8.91 -18.16 -2.12
C LYS A 87 9.25 -17.96 -3.59
N LEU A 88 8.37 -17.30 -4.34
CA LEU A 88 8.61 -17.08 -5.76
C LEU A 88 9.39 -15.79 -6.08
N THR A 89 9.36 -14.78 -5.19
CA THR A 89 9.79 -13.45 -5.61
C THR A 89 10.97 -12.90 -4.83
N THR A 90 11.49 -13.59 -3.81
CA THR A 90 12.54 -13.01 -2.97
C THR A 90 13.92 -13.33 -3.55
N ASP A 91 14.29 -12.58 -4.58
CA ASP A 91 15.66 -12.51 -5.06
C ASP A 91 15.81 -11.15 -5.75
N HIS A 92 17.05 -10.66 -5.83
CA HIS A 92 17.23 -9.26 -6.18
C HIS A 92 16.63 -8.94 -7.55
N LYS A 93 16.94 -9.76 -8.54
CA LYS A 93 16.51 -9.35 -9.88
C LYS A 93 14.99 -9.44 -10.02
N THR A 94 14.33 -10.30 -9.24
CA THR A 94 12.87 -10.31 -9.26
C THR A 94 12.28 -9.10 -8.57
N VAL A 95 12.89 -8.67 -7.45
CA VAL A 95 12.44 -7.45 -6.78
C VAL A 95 12.55 -6.26 -7.72
N THR A 96 13.66 -6.17 -8.46
CA THR A 96 13.83 -5.10 -9.45
C THR A 96 12.73 -5.15 -10.51
N ARG A 97 12.47 -6.36 -11.04
CA ARG A 97 11.43 -6.52 -12.05
C ARG A 97 10.06 -6.08 -11.54
N ILE A 98 9.63 -6.62 -10.40
CA ILE A 98 8.25 -6.32 -10.01
C ILE A 98 8.11 -4.87 -9.61
N THR A 99 9.17 -4.25 -9.08
CA THR A 99 9.09 -2.82 -8.79
C THR A 99 8.80 -2.03 -10.06
N ARG A 100 9.58 -2.30 -11.12
CA ARG A 100 9.35 -1.62 -12.40
C ARG A 100 7.94 -1.88 -12.93
N GLU A 101 7.49 -3.14 -12.92
CA GLU A 101 6.16 -3.47 -13.46
C GLU A 101 5.04 -2.80 -12.68
N VAL A 102 5.15 -2.72 -11.35
CA VAL A 102 4.10 -2.10 -10.55
C VAL A 102 4.02 -0.61 -10.83
N VAL A 103 5.19 0.05 -10.93
CA VAL A 103 5.19 1.48 -11.26
C VAL A 103 4.57 1.69 -12.64
N GLU A 104 4.95 0.86 -13.63
CA GLU A 104 4.35 0.97 -14.95
C GLU A 104 2.83 0.82 -14.91
N ASP A 105 2.37 -0.21 -14.20
CA ASP A 105 0.93 -0.47 -14.14
C ASP A 105 0.17 0.69 -13.53
N PHE A 106 0.68 1.26 -12.42
CA PHE A 106 -0.02 2.39 -11.84
C PHE A 106 0.05 3.61 -12.76
N ALA A 107 1.20 3.87 -13.38
CA ALA A 107 1.31 5.04 -14.24
C ALA A 107 0.35 4.93 -15.41
N LEU A 108 0.14 3.72 -15.93
CA LEU A 108 -0.73 3.54 -17.08
C LEU A 108 -2.18 3.89 -16.78
N GLU A 109 -2.61 3.83 -15.52
CA GLU A 109 -3.94 4.30 -15.16
C GLU A 109 -3.91 5.66 -14.48
N ASN A 110 -2.86 6.43 -14.79
CA ASN A 110 -2.77 7.86 -14.46
C ASN A 110 -2.69 8.09 -12.96
N VAL A 111 -2.05 7.15 -12.26
CA VAL A 111 -1.52 7.49 -10.95
C VAL A 111 -0.36 8.46 -11.15
N VAL A 112 -0.46 9.64 -10.55
CA VAL A 112 0.59 10.64 -10.66
C VAL A 112 1.49 10.64 -9.43
N TYR A 113 1.06 10.02 -8.33
CA TYR A 113 1.88 9.93 -7.12
C TYR A 113 1.60 8.59 -6.49
N LEU A 114 2.67 7.83 -6.25
CA LEU A 114 2.59 6.49 -5.68
C LEU A 114 3.50 6.43 -4.47
N GLU A 115 2.97 6.02 -3.32
CA GLU A 115 3.79 5.57 -2.22
C GLU A 115 3.72 4.06 -2.28
N LEU A 116 4.84 3.44 -2.57
CA LEU A 116 4.95 2.00 -2.73
C LEU A 116 5.54 1.48 -1.43
N ARG A 117 4.85 0.53 -0.80
CA ARG A 117 5.37 0.00 0.45
C ARG A 117 5.85 -1.43 0.25
N THR A 118 6.93 -1.79 0.94
CA THR A 118 7.38 -3.18 0.84
C THR A 118 8.16 -3.54 2.09
N THR A 119 8.06 -4.81 2.49
CA THR A 119 8.82 -5.35 3.61
C THR A 119 10.21 -5.72 3.15
N PRO A 120 11.26 -5.06 3.62
CA PRO A 120 12.62 -5.51 3.28
C PRO A 120 12.85 -6.91 3.83
N LYS A 121 13.44 -7.78 3.00
CA LYS A 121 13.64 -9.17 3.37
C LYS A 121 15.11 -9.47 3.58
N ARG A 122 15.38 -10.41 4.47
CA ARG A 122 16.71 -10.98 4.62
C ARG A 122 16.65 -12.42 4.13
N SER A 123 17.62 -12.82 3.32
CA SER A 123 17.64 -14.21 2.81
C SER A 123 19.12 -14.58 2.76
N ASP A 124 19.62 -15.14 3.85
CA ASP A 124 21.06 -15.30 4.00
C ASP A 124 21.65 -16.20 2.93
N SER A 125 20.88 -17.19 2.47
CA SER A 125 21.43 -18.15 1.52
C SER A 125 21.72 -17.54 0.15
N ILE A 126 21.08 -16.43 -0.21
CA ILE A 126 21.36 -15.75 -1.46
C ILE A 126 22.08 -14.43 -1.25
N GLY A 127 22.59 -14.17 -0.05
CA GLY A 127 23.31 -12.94 0.17
C GLY A 127 22.43 -11.72 0.14
N MET A 128 21.15 -11.88 0.49
CA MET A 128 20.21 -10.77 0.49
C MET A 128 20.06 -10.25 1.91
N SER A 129 20.28 -8.95 2.10
CA SER A 129 20.02 -8.26 3.35
C SER A 129 18.84 -7.34 3.13
N LYS A 130 18.29 -6.80 4.22
CA LYS A 130 17.24 -5.79 4.06
C LYS A 130 17.73 -4.65 3.19
N ARG A 131 19.00 -4.24 3.40
CA ARG A 131 19.56 -3.16 2.59
C ARG A 131 19.63 -3.54 1.12
N SER A 132 20.15 -4.74 0.82
CA SER A 132 20.27 -5.08 -0.60
C SER A 132 18.90 -5.31 -1.25
N TYR A 133 17.92 -5.84 -0.51
CA TYR A 133 16.56 -5.91 -1.02
C TYR A 133 16.09 -4.51 -1.44
N MET A 134 16.29 -3.51 -0.55
CA MET A 134 15.83 -2.17 -0.90
C MET A 134 16.66 -1.55 -2.03
N GLU A 135 17.94 -1.92 -2.13
CA GLU A 135 18.73 -1.45 -3.27
C GLU A 135 18.19 -2.02 -4.57
N ALA A 136 17.66 -3.25 -4.54
CA ALA A 136 17.03 -3.83 -5.72
C ALA A 136 15.73 -3.11 -6.07
N VAL A 137 14.98 -2.64 -5.05
CA VAL A 137 13.83 -1.79 -5.33
C VAL A 137 14.27 -0.52 -6.04
N ILE A 138 15.31 0.15 -5.50
CA ILE A 138 15.80 1.38 -6.15
C ILE A 138 16.20 1.10 -7.58
N GLN A 139 16.90 -0.02 -7.80
CA GLN A 139 17.28 -0.38 -9.17
C GLN A 139 16.05 -0.53 -10.04
N GLY A 140 14.96 -1.07 -9.47
CA GLY A 140 13.72 -1.15 -10.22
C GLY A 140 13.21 0.22 -10.65
N LEU A 141 13.23 1.18 -9.74
CA LEU A 141 12.80 2.54 -10.09
C LEU A 141 13.69 3.15 -11.18
N ARG A 142 15.00 2.97 -11.06
CA ARG A 142 15.94 3.45 -12.08
C ARG A 142 15.73 2.79 -13.42
N SER A 143 15.17 1.60 -13.44
CA SER A 143 14.98 0.87 -14.68
C SER A 143 13.70 1.25 -15.42
N VAL A 144 12.83 2.06 -14.79
CA VAL A 144 11.56 2.41 -15.43
C VAL A 144 11.84 3.23 -16.67
N SER A 145 11.27 2.82 -17.80
CA SER A 145 11.48 3.58 -19.03
C SER A 145 10.22 3.85 -19.82
N GLU A 146 9.13 3.12 -19.59
CA GLU A 146 7.90 3.39 -20.36
C GLU A 146 7.24 4.70 -19.94
N VAL A 147 7.52 5.19 -18.73
CA VAL A 147 7.05 6.48 -18.26
C VAL A 147 8.21 7.21 -17.61
N ASP A 148 8.06 8.52 -17.45
CA ASP A 148 9.01 9.32 -16.69
C ASP A 148 8.72 9.16 -15.20
N ILE A 149 9.77 9.08 -14.40
CA ILE A 149 9.64 8.82 -12.97
C ILE A 149 10.48 9.84 -12.22
N ASP A 150 9.95 10.31 -11.09
CA ASP A 150 10.72 11.09 -10.13
C ASP A 150 10.68 10.31 -8.84
N PHE A 151 11.84 9.84 -8.36
CA PHE A 151 11.87 9.18 -7.06
C PHE A 151 12.93 9.71 -6.10
N VAL A 152 13.93 10.46 -6.56
CA VAL A 152 15.00 10.90 -5.67
C VAL A 152 14.56 12.13 -4.90
N THR A 153 15.02 12.20 -3.64
CA THR A 153 14.91 13.31 -2.69
C THR A 153 13.81 13.00 -1.71
N ARG A 169 3.11 10.48 -23.01
CA ARG A 169 4.13 9.97 -22.09
C ARG A 169 3.89 10.44 -20.65
N LYS A 170 3.52 9.50 -19.78
CA LYS A 170 3.10 9.84 -18.43
C LYS A 170 4.30 10.03 -17.51
N LYS A 171 4.12 10.87 -16.47
CA LYS A 171 5.10 11.05 -15.43
C LYS A 171 4.48 10.67 -14.09
N ILE A 172 5.25 10.00 -13.24
CA ILE A 172 4.76 9.55 -11.94
C ILE A 172 5.83 9.87 -10.89
N TYR A 173 5.39 10.42 -9.76
CA TYR A 173 6.25 10.57 -8.59
C TYR A 173 6.14 9.29 -7.76
N VAL A 174 7.27 8.71 -7.36
CA VAL A 174 7.24 7.51 -6.52
C VAL A 174 8.02 7.81 -5.25
N ARG A 175 7.42 7.50 -4.10
CA ARG A 175 8.14 7.54 -2.84
C ARG A 175 7.92 6.20 -2.17
N LEU A 176 8.77 5.89 -1.19
CA LEU A 176 8.79 4.53 -0.63
C LEU A 176 8.47 4.53 0.85
N LEU A 177 7.71 3.51 1.26
CA LEU A 177 7.55 3.18 2.67
C LEU A 177 8.15 1.81 2.93
N LEU A 178 8.91 1.69 4.02
CA LEU A 178 9.39 0.36 4.41
C LEU A 178 8.43 -0.23 5.42
N SER A 179 7.97 -1.46 5.15
CA SER A 179 7.01 -2.15 6.00
C SER A 179 7.74 -2.99 7.05
N ILE A 180 7.26 -2.90 8.28
CA ILE A 180 7.59 -3.85 9.33
C ILE A 180 6.47 -4.88 9.36
N ASP A 181 6.84 -6.16 9.31
CA ASP A 181 5.92 -7.27 9.35
C ASP A 181 5.70 -7.66 10.81
N ARG A 182 4.43 -7.89 11.19
CA ARG A 182 4.12 -8.17 12.60
C ARG A 182 4.74 -9.46 13.11
N ARG A 183 5.32 -10.28 12.23
CA ARG A 183 6.10 -11.44 12.69
C ARG A 183 7.49 -11.09 13.20
N GLU A 184 7.92 -9.84 13.11
CA GLU A 184 9.30 -9.51 13.39
C GLU A 184 9.53 -9.21 14.88
N THR A 185 10.80 -9.03 15.22
CA THR A 185 11.18 -8.60 16.57
C THR A 185 11.38 -7.09 16.62
N THR A 186 11.50 -6.56 17.84
CA THR A 186 11.80 -5.13 17.97
C THR A 186 13.11 -4.79 17.28
N GLU A 187 14.16 -5.62 17.46
CA GLU A 187 15.43 -5.28 16.85
C GLU A 187 15.39 -5.39 15.32
N SER A 188 14.63 -6.34 14.76
CA SER A 188 14.56 -6.37 13.30
C SER A 188 13.74 -5.19 12.77
N ALA A 189 12.68 -4.81 13.52
CA ALA A 189 11.95 -3.59 13.18
C ALA A 189 12.88 -2.38 13.22
N MET A 190 13.77 -2.31 14.23
CA MET A 190 14.72 -1.21 14.29
C MET A 190 15.70 -1.21 13.12
N GLU A 191 16.07 -2.38 12.62
CA GLU A 191 16.92 -2.40 11.44
C GLU A 191 16.20 -1.80 10.24
N THR A 192 14.92 -2.11 10.09
CA THR A 192 14.15 -1.49 9.02
C THR A 192 14.09 0.02 9.18
N VAL A 193 13.89 0.52 10.40
CA VAL A 193 13.81 1.96 10.60
C VAL A 193 15.14 2.62 10.29
N LYS A 194 16.25 2.03 10.78
CA LYS A 194 17.56 2.60 10.49
C LYS A 194 17.83 2.64 8.99
N LEU A 195 17.45 1.58 8.28
CA LEU A 195 17.61 1.55 6.83
C LEU A 195 16.80 2.66 6.17
N ALA A 196 15.57 2.87 6.65
CA ALA A 196 14.75 3.94 6.06
C ALA A 196 15.43 5.29 6.21
N LEU A 197 15.99 5.55 7.41
CA LEU A 197 16.71 6.80 7.61
C LEU A 197 17.89 6.92 6.67
N GLU A 198 18.60 5.82 6.43
CA GLU A 198 19.74 5.87 5.51
C GLU A 198 19.31 6.11 4.07
N MET A 199 18.07 5.76 3.70
CA MET A 199 17.61 5.83 2.31
C MET A 199 16.70 7.00 2.05
N ARG A 200 16.66 7.96 2.96
CA ARG A 200 15.86 9.15 2.68
C ARG A 200 16.28 9.86 1.40
N ASP A 201 17.55 9.73 0.96
CA ASP A 201 17.95 10.43 -0.26
C ASP A 201 17.39 9.81 -1.54
N VAL A 202 16.87 8.58 -1.49
CA VAL A 202 16.33 7.92 -2.68
C VAL A 202 14.84 7.71 -2.49
N GLY A 203 14.22 8.58 -1.71
CA GLY A 203 12.78 8.68 -1.69
C GLY A 203 12.07 7.89 -0.61
N VAL A 204 12.79 7.28 0.34
CA VAL A 204 12.06 6.68 1.46
C VAL A 204 11.50 7.79 2.33
N VAL A 205 10.19 7.74 2.60
CA VAL A 205 9.53 8.80 3.36
C VAL A 205 8.82 8.30 4.61
N GLY A 206 8.75 6.99 4.83
CA GLY A 206 7.94 6.54 5.94
C GLY A 206 8.09 5.06 6.20
N ILE A 207 7.36 4.63 7.24
CA ILE A 207 7.37 3.27 7.77
C ILE A 207 5.92 2.84 7.89
N ASP A 208 5.66 1.58 7.60
CA ASP A 208 4.37 0.95 7.78
C ASP A 208 4.48 -0.17 8.82
N LEU A 209 3.40 -0.44 9.54
CA LEU A 209 3.27 -1.71 10.27
C LEU A 209 2.17 -2.51 9.58
N SER A 210 2.50 -3.71 9.14
CA SER A 210 1.54 -4.53 8.40
C SER A 210 1.88 -6.00 8.68
N GLY A 211 1.35 -6.90 7.87
CA GLY A 211 1.47 -8.32 8.13
C GLY A 211 0.26 -8.83 8.86
N ASN A 212 0.33 -10.13 9.19
CA ASN A 212 -0.83 -10.83 9.73
C ASN A 212 -1.33 -10.18 11.03
N PRO A 213 -2.54 -9.61 11.05
CA PRO A 213 -3.02 -8.90 12.24
C PRO A 213 -3.37 -9.82 13.39
N LEU A 214 -3.34 -11.13 13.17
CA LEU A 214 -3.53 -12.10 14.24
C LEU A 214 -2.24 -12.48 14.94
N VAL A 215 -1.10 -11.94 14.51
CA VAL A 215 0.22 -12.29 15.00
C VAL A 215 0.86 -11.06 15.63
N GLY A 216 1.68 -11.28 16.66
CA GLY A 216 2.46 -10.20 17.23
C GLY A 216 1.67 -9.28 18.16
N GLU A 217 2.43 -8.47 18.89
CA GLU A 217 1.90 -7.53 19.86
C GLU A 217 2.35 -6.12 19.50
N TRP A 218 1.42 -5.15 19.66
CA TRP A 218 1.79 -3.75 19.46
C TRP A 218 3.01 -3.35 20.28
N SER A 219 3.13 -3.85 21.52
CA SER A 219 4.27 -3.44 22.33
C SER A 219 5.63 -3.83 21.74
N THR A 220 5.67 -4.82 20.83
CA THR A 220 6.93 -5.16 20.15
C THR A 220 7.35 -4.06 19.20
N PHE A 221 6.38 -3.40 18.57
CA PHE A 221 6.67 -2.51 17.46
C PHE A 221 6.60 -1.05 17.83
N LEU A 222 5.77 -0.70 18.81
CA LEU A 222 5.68 0.68 19.27
C LEU A 222 7.06 1.31 19.48
N PRO A 223 8.02 0.66 20.12
CA PRO A 223 9.31 1.34 20.34
C PRO A 223 10.07 1.67 19.06
N ALA A 224 9.96 0.82 18.04
CA ALA A 224 10.66 1.07 16.79
C ALA A 224 9.94 2.16 15.99
N LEU A 225 8.61 2.14 16.03
CA LEU A 225 7.84 3.18 15.37
C LEU A 225 8.04 4.52 16.07
N GLN A 226 8.19 4.53 17.39
CA GLN A 226 8.47 5.79 18.07
C GLN A 226 9.83 6.33 17.66
N TYR A 227 10.84 5.46 17.53
CA TYR A 227 12.14 5.90 17.03
C TYR A 227 12.01 6.51 15.64
N ALA A 228 11.24 5.85 14.77
CA ALA A 228 11.03 6.39 13.42
C ALA A 228 10.38 7.76 13.47
N LYS A 229 9.33 7.90 14.29
CA LYS A 229 8.59 9.15 14.36
C LYS A 229 9.46 10.28 14.92
N ASP A 230 10.24 9.97 15.94
CA ASP A 230 11.12 10.97 16.54
C ASP A 230 12.25 11.39 15.61
N ASN A 231 12.54 10.58 14.58
CA ASN A 231 13.49 10.94 13.55
C ASN A 231 12.83 11.49 12.30
N ASP A 232 11.59 11.94 12.41
CA ASP A 232 10.85 12.67 11.39
C ASP A 232 10.44 11.81 10.18
N LEU A 233 10.47 10.49 10.31
CA LEU A 233 9.78 9.66 9.31
C LEU A 233 8.28 9.72 9.54
N HIS A 234 7.53 9.60 8.45
CA HIS A 234 6.08 9.49 8.58
C HIS A 234 5.69 8.03 8.81
N ILE A 235 4.60 7.83 9.57
CA ILE A 235 4.16 6.51 10.00
C ILE A 235 2.74 6.23 9.52
N THR A 236 2.54 5.04 8.93
CA THR A 236 1.19 4.56 8.67
C THR A 236 1.02 3.16 9.25
N LEU A 237 -0.11 2.96 9.94
CA LEU A 237 -0.35 1.70 10.63
C LEU A 237 -1.56 0.98 10.05
N HIS A 238 -1.40 -0.32 9.74
CA HIS A 238 -2.61 -1.14 9.55
C HIS A 238 -3.31 -1.28 10.89
N CYS A 239 -4.60 -0.92 10.94
CA CYS A 239 -5.26 -0.77 12.24
C CYS A 239 -6.67 -1.34 12.19
N GLY A 240 -7.00 -2.24 13.11
CA GLY A 240 -8.38 -2.73 13.14
C GLY A 240 -8.76 -3.67 12.02
N GLU A 241 -7.80 -4.40 11.44
CA GLU A 241 -8.16 -5.40 10.43
C GLU A 241 -8.97 -6.54 11.03
N VAL A 242 -8.80 -6.82 12.31
CA VAL A 242 -9.60 -7.78 13.07
C VAL A 242 -10.03 -7.10 14.36
N PRO A 243 -11.06 -7.60 15.03
CA PRO A 243 -11.44 -6.99 16.31
C PRO A 243 -10.28 -7.10 17.30
N ASN A 244 -9.92 -5.97 17.89
CA ASN A 244 -8.83 -5.94 18.87
C ASN A 244 -8.90 -4.59 19.57
N PRO A 245 -9.81 -4.42 20.51
CA PRO A 245 -10.08 -3.06 21.04
C PRO A 245 -8.87 -2.40 21.69
N LYS A 246 -8.10 -3.13 22.48
CA LYS A 246 -6.97 -2.49 23.15
C LYS A 246 -5.92 -2.06 22.13
N GLU A 247 -5.68 -2.88 21.12
CA GLU A 247 -4.65 -2.52 20.13
C GLU A 247 -5.09 -1.33 19.29
N ILE A 248 -6.37 -1.29 18.91
CA ILE A 248 -6.86 -0.16 18.12
C ILE A 248 -6.67 1.14 18.89
N GLN A 249 -7.09 1.16 20.16
CA GLN A 249 -6.91 2.36 20.97
C GLN A 249 -5.42 2.73 21.10
N ALA A 250 -4.56 1.73 21.31
CA ALA A 250 -3.13 2.01 21.47
C ALA A 250 -2.50 2.58 20.19
N MET A 251 -2.90 2.04 19.04
CA MET A 251 -2.41 2.59 17.77
C MET A 251 -2.90 4.01 17.56
N LEU A 252 -4.18 4.29 17.84
CA LEU A 252 -4.65 5.67 17.70
C LEU A 252 -3.91 6.60 18.66
N ASP A 253 -3.66 6.15 19.90
CA ASP A 253 -2.98 7.02 20.86
C ASP A 253 -1.55 7.34 20.46
N PHE A 254 -0.94 6.48 19.66
CA PHE A 254 0.37 6.76 19.08
C PHE A 254 0.36 7.95 18.13
N LYS A 255 -0.80 8.30 17.57
CA LYS A 255 -0.97 9.38 16.60
C LYS A 255 -0.06 9.16 15.39
N PRO A 256 -0.27 8.08 14.66
CA PRO A 256 0.40 7.91 13.38
C PRO A 256 -0.11 8.96 12.39
N HIS A 257 0.59 9.07 11.27
CA HIS A 257 0.19 10.08 10.27
C HIS A 257 -0.92 9.58 9.37
N ARG A 258 -0.99 8.26 9.17
CA ARG A 258 -2.16 7.65 8.52
C ARG A 258 -2.41 6.29 9.16
N ILE A 259 -3.62 5.76 8.93
CA ILE A 259 -3.87 4.34 9.22
C ILE A 259 -4.48 3.69 8.00
N GLY A 260 -4.37 2.37 7.93
CA GLY A 260 -5.00 1.61 6.88
C GLY A 260 -6.10 0.73 7.44
N HIS A 261 -7.16 0.55 6.63
CA HIS A 261 -8.24 -0.44 6.84
C HIS A 261 -9.31 0.08 7.80
N ALA A 262 -9.09 -0.05 9.12
CA ALA A 262 -10.02 0.44 10.16
C ALA A 262 -11.36 -0.31 10.11
N CYS A 263 -11.30 -1.60 9.84
CA CYS A 263 -12.53 -2.39 9.61
C CYS A 263 -13.33 -2.63 10.88
N PHE A 264 -12.66 -2.87 12.01
CA PHE A 264 -13.36 -3.24 13.24
C PHE A 264 -13.25 -2.19 14.33
N PHE A 265 -13.36 -0.93 13.93
CA PHE A 265 -13.46 0.15 14.90
C PHE A 265 -14.81 0.11 15.60
N LYS A 266 -14.79 0.50 16.87
CA LYS A 266 -15.99 0.77 17.65
C LYS A 266 -16.20 2.27 17.73
N ASP A 267 -17.32 2.67 18.35
CA ASP A 267 -17.65 4.09 18.34
C ASP A 267 -16.59 4.93 19.04
N GLU A 268 -16.02 4.43 20.14
CA GLU A 268 -14.97 5.19 20.82
C GLU A 268 -13.74 5.34 19.94
N ASP A 269 -13.50 4.36 19.09
CA ASP A 269 -12.37 4.43 18.16
C ASP A 269 -12.64 5.47 17.08
N TRP A 270 -13.86 5.49 16.54
CA TRP A 270 -14.22 6.50 15.54
C TRP A 270 -14.11 7.91 16.12
N THR A 271 -14.63 8.12 17.34
CA THR A 271 -14.56 9.45 17.96
C THR A 271 -13.12 9.92 18.09
N LYS A 272 -12.25 9.02 18.57
CA LYS A 272 -10.83 9.38 18.69
C LYS A 272 -10.21 9.65 17.32
N LEU A 273 -10.46 8.77 16.35
CA LEU A 273 -9.90 8.95 15.02
C LEU A 273 -10.29 10.32 14.44
N LYS A 274 -11.57 10.65 14.55
CA LYS A 274 -12.05 11.90 13.97
C LYS A 274 -11.49 13.10 14.69
N SER A 275 -11.28 12.99 16.00
CA SER A 275 -10.67 14.08 16.77
C SER A 275 -9.20 14.26 16.43
N PHE A 276 -8.49 13.15 16.21
CA PHE A 276 -7.07 13.21 15.89
C PHE A 276 -6.81 13.51 14.42
N ARG A 277 -7.85 13.45 13.59
CA ARG A 277 -7.79 13.78 12.16
C ARG A 277 -6.79 12.90 11.42
N ILE A 278 -6.75 11.62 11.76
CA ILE A 278 -5.81 10.71 11.07
C ILE A 278 -6.43 10.20 9.77
N PRO A 279 -5.83 10.47 8.59
CA PRO A 279 -6.41 9.96 7.35
C PRO A 279 -6.45 8.44 7.33
N VAL A 280 -7.49 7.90 6.69
CA VAL A 280 -7.68 6.46 6.55
C VAL A 280 -7.44 6.04 5.11
N GLU A 281 -6.56 5.06 4.92
CA GLU A 281 -6.39 4.40 3.64
C GLU A 281 -7.49 3.36 3.51
N ILE A 282 -8.40 3.60 2.58
CA ILE A 282 -9.60 2.81 2.41
C ILE A 282 -9.34 1.76 1.34
N CYS A 283 -9.61 0.50 1.66
CA CYS A 283 -9.26 -0.64 0.79
C CYS A 283 -10.54 -1.42 0.50
N LEU A 284 -11.35 -0.94 -0.44
CA LEU A 284 -12.72 -1.44 -0.60
C LEU A 284 -12.75 -2.90 -1.04
N THR A 285 -12.17 -3.20 -2.20
CA THR A 285 -12.22 -4.57 -2.70
C THR A 285 -11.59 -5.54 -1.71
N SER A 286 -10.38 -5.22 -1.23
CA SER A 286 -9.75 -6.03 -0.21
C SER A 286 -10.71 -6.34 0.95
N ASN A 287 -11.34 -5.31 1.53
CA ASN A 287 -12.13 -5.55 2.74
C ASN A 287 -13.34 -6.41 2.44
N ILE A 288 -13.91 -6.28 1.24
CA ILE A 288 -15.06 -7.11 0.90
C ILE A 288 -14.64 -8.54 0.65
N VAL A 289 -13.51 -8.73 -0.06
CA VAL A 289 -13.06 -10.09 -0.40
C VAL A 289 -12.64 -10.87 0.84
N THR A 290 -11.94 -10.22 1.78
CA THR A 290 -11.51 -10.90 2.99
C THR A 290 -12.65 -11.08 3.99
N LYS A 291 -13.86 -10.61 3.67
CA LYS A 291 -15.02 -10.67 4.57
C LYS A 291 -14.80 -9.82 5.83
N SER A 292 -13.92 -8.84 5.74
CA SER A 292 -13.70 -7.93 6.86
C SER A 292 -14.80 -6.88 6.94
N ILE A 293 -15.43 -6.58 5.81
CA ILE A 293 -16.56 -5.66 5.75
C ILE A 293 -17.65 -6.35 4.93
N SER A 294 -18.89 -6.37 5.46
CA SER A 294 -19.96 -7.18 4.88
C SER A 294 -20.29 -6.74 3.46
N SER A 295 -20.29 -5.44 3.21
CA SER A 295 -20.63 -4.96 1.88
C SER A 295 -20.14 -3.54 1.67
N ILE A 296 -20.06 -3.14 0.41
CA ILE A 296 -19.65 -1.76 0.12
C ILE A 296 -20.68 -0.78 0.67
N ASP A 297 -21.94 -1.18 0.74
CA ASP A 297 -22.97 -0.23 1.15
C ASP A 297 -22.97 0.06 2.64
N ILE A 298 -22.26 -0.70 3.46
CA ILE A 298 -22.07 -0.33 4.86
C ILE A 298 -20.63 0.08 5.16
N HIS A 299 -19.76 0.06 4.16
CA HIS A 299 -18.35 0.31 4.42
C HIS A 299 -18.19 1.71 5.01
N HIS A 300 -17.30 1.81 6.01
CA HIS A 300 -17.13 3.06 6.73
C HIS A 300 -16.61 4.20 5.88
N PHE A 301 -16.10 3.95 4.67
CA PHE A 301 -15.67 5.08 3.85
C PHE A 301 -16.81 6.07 3.62
N ALA A 302 -18.05 5.58 3.56
CA ALA A 302 -19.17 6.51 3.34
C ALA A 302 -19.40 7.41 4.55
N ASP A 303 -19.37 6.83 5.77
CA ASP A 303 -19.51 7.63 6.99
C ASP A 303 -18.36 8.63 7.10
N LEU A 304 -17.14 8.20 6.77
CA LEU A 304 -16.01 9.12 6.84
C LEU A 304 -16.16 10.25 5.82
N TYR A 305 -16.60 9.91 4.59
CA TYR A 305 -16.84 10.92 3.58
C TYR A 305 -17.87 11.94 4.05
N ASN A 306 -19.00 11.45 4.57
CA ASN A 306 -20.05 12.36 5.01
C ASN A 306 -19.64 13.16 6.24
N ALA A 307 -18.74 12.63 7.07
CA ALA A 307 -18.25 13.39 8.22
C ALA A 307 -17.10 14.32 7.87
N LYS A 308 -16.71 14.41 6.59
CA LYS A 308 -15.62 15.26 6.13
C LYS A 308 -14.32 14.87 6.82
N HIS A 309 -14.16 13.50 7.02
CA HIS A 309 -12.93 12.98 7.58
C HIS A 309 -12.00 12.54 6.45
N PRO A 310 -10.70 12.82 6.50
CA PRO A 310 -9.81 12.48 5.36
C PRO A 310 -9.76 10.99 5.09
N LEU A 311 -9.98 10.62 3.83
CA LEU A 311 -9.85 9.23 3.41
C LEU A 311 -9.23 9.22 2.04
N ILE A 312 -8.53 8.13 1.74
CA ILE A 312 -7.87 7.96 0.45
C ILE A 312 -8.21 6.57 -0.06
N LEU A 313 -8.83 6.49 -1.25
CA LEU A 313 -9.08 5.16 -1.83
C LEU A 313 -7.77 4.54 -2.31
N CYS A 314 -7.54 3.28 -1.94
CA CYS A 314 -6.27 2.60 -2.21
C CYS A 314 -6.54 1.19 -2.71
N THR A 315 -5.55 0.61 -3.40
CA THR A 315 -5.73 -0.76 -3.90
C THR A 315 -5.41 -1.83 -2.87
N ASN A 316 -4.50 -1.56 -1.93
CA ASN A 316 -3.93 -2.52 -0.98
C ASN A 316 -3.05 -3.55 -1.68
N ASP A 317 -3.65 -4.48 -2.45
CA ASP A 317 -2.90 -5.52 -3.16
C ASP A 317 -3.63 -5.77 -4.49
N PHE A 318 -3.31 -4.97 -5.51
CA PHE A 318 -4.18 -5.07 -6.70
C PHE A 318 -3.96 -6.38 -7.44
N GLY A 319 -2.81 -7.01 -7.27
CA GLY A 319 -2.61 -8.34 -7.84
C GLY A 319 -3.40 -9.41 -7.10
N VAL A 320 -3.22 -9.46 -5.78
CA VAL A 320 -3.92 -10.47 -4.98
C VAL A 320 -5.43 -10.35 -5.15
N PHE A 321 -5.95 -9.13 -5.19
CA PHE A 321 -7.38 -8.92 -5.20
C PHE A 321 -7.93 -8.59 -6.57
N SER A 322 -7.12 -8.71 -7.62
CA SER A 322 -7.54 -8.52 -9.01
C SER A 322 -8.32 -7.23 -9.20
N THR A 323 -7.69 -6.10 -8.88
CA THR A 323 -8.36 -4.83 -9.03
C THR A 323 -7.35 -3.83 -9.61
N SER A 324 -7.73 -2.55 -9.58
CA SER A 324 -6.92 -1.43 -10.05
C SER A 324 -7.41 -0.22 -9.28
N LEU A 325 -6.59 0.84 -9.25
CA LEU A 325 -7.07 2.00 -8.50
C LEU A 325 -8.30 2.61 -9.16
N SER A 326 -8.37 2.55 -10.50
CA SER A 326 -9.55 3.06 -11.18
C SER A 326 -10.79 2.27 -10.78
N ASN A 327 -10.65 0.95 -10.64
CA ASN A 327 -11.81 0.14 -10.23
C ASN A 327 -12.26 0.50 -8.81
N GLU A 328 -11.31 0.75 -7.91
CA GLU A 328 -11.67 1.18 -6.55
C GLU A 328 -12.48 2.48 -6.60
N TYR A 329 -12.02 3.44 -7.39
CA TYR A 329 -12.77 4.69 -7.55
C TYR A 329 -14.15 4.41 -8.12
N ALA A 330 -14.24 3.50 -9.09
CA ALA A 330 -15.54 3.22 -9.70
C ALA A 330 -16.52 2.67 -8.67
N LEU A 331 -16.05 1.77 -7.80
CA LEU A 331 -16.88 1.23 -6.74
C LEU A 331 -17.34 2.34 -5.80
N ALA A 332 -16.42 3.20 -5.36
CA ALA A 332 -16.82 4.28 -4.48
C ALA A 332 -17.80 5.23 -5.15
N VAL A 333 -17.54 5.57 -6.43
CA VAL A 333 -18.38 6.52 -7.15
C VAL A 333 -19.80 5.98 -7.27
N ARG A 334 -19.92 4.71 -7.60
CA ARG A 334 -21.25 4.11 -7.72
C ARG A 334 -21.95 4.07 -6.36
N SER A 335 -21.23 3.64 -5.31
CA SER A 335 -21.85 3.47 -4.01
C SER A 335 -22.32 4.80 -3.44
N LEU A 336 -21.49 5.83 -3.52
CA LEU A 336 -21.83 7.13 -2.96
C LEU A 336 -22.65 7.99 -3.90
N GLY A 337 -22.73 7.63 -5.18
CA GLY A 337 -23.37 8.48 -6.17
C GLY A 337 -22.67 9.80 -6.42
N LEU A 338 -21.33 9.79 -6.43
CA LEU A 338 -20.58 11.02 -6.60
C LEU A 338 -20.64 11.53 -8.04
N SER A 339 -20.70 12.85 -8.17
CA SER A 339 -20.51 13.50 -9.46
C SER A 339 -19.03 13.47 -9.85
N LYS A 340 -18.75 13.87 -11.09
CA LYS A 340 -17.37 13.99 -11.53
C LYS A 340 -16.63 15.01 -10.68
N SER A 341 -17.28 16.14 -10.36
CA SER A 341 -16.62 17.18 -9.58
C SER A 341 -16.31 16.71 -8.16
N GLU A 342 -17.26 16.00 -7.54
CA GLU A 342 -17.04 15.44 -6.20
C GLU A 342 -15.94 14.38 -6.22
N THR A 343 -15.93 13.54 -7.26
CA THR A 343 -14.88 12.53 -7.39
C THR A 343 -13.51 13.18 -7.55
N PHE A 344 -13.42 14.23 -8.39
CA PHE A 344 -12.14 14.90 -8.58
C PHE A 344 -11.69 15.56 -7.28
N ALA A 345 -12.64 16.15 -6.53
CA ALA A 345 -12.28 16.79 -5.28
C ALA A 345 -11.75 15.77 -4.28
N LEU A 346 -12.38 14.60 -4.25
CA LEU A 346 -11.90 13.55 -3.36
C LEU A 346 -10.51 13.10 -3.74
N ALA A 347 -10.29 12.91 -5.05
CA ALA A 347 -8.95 12.51 -5.51
C ALA A 347 -7.91 13.56 -5.12
N ARG A 348 -8.26 14.85 -5.26
CA ARG A 348 -7.29 15.88 -4.96
C ARG A 348 -7.00 15.97 -3.46
N ALA A 349 -7.98 15.62 -2.63
CA ALA A 349 -7.80 15.77 -1.20
C ALA A 349 -6.70 14.84 -0.65
N ALA A 350 -6.32 13.83 -1.41
CA ALA A 350 -5.27 12.92 -0.96
C ALA A 350 -3.90 13.59 -0.90
N ILE A 351 -3.71 14.71 -1.59
CA ILE A 351 -2.39 15.35 -1.62
C ILE A 351 -1.90 15.62 -0.20
N ASP A 352 -2.75 16.21 0.64
CA ASP A 352 -2.22 16.57 1.96
C ASP A 352 -2.07 15.37 2.88
N ALA A 353 -2.51 14.17 2.46
CA ALA A 353 -2.22 12.98 3.24
C ALA A 353 -0.97 12.25 2.78
N THR A 354 -0.35 12.65 1.68
CA THR A 354 0.92 12.05 1.26
C THR A 354 2.02 12.40 2.25
N PHE A 355 3.08 11.60 2.20
CA PHE A 355 4.28 11.79 3.00
C PHE A 355 5.39 12.46 2.21
N ALA A 356 5.05 13.01 1.04
CA ALA A 356 6.02 13.65 0.18
C ALA A 356 6.52 14.97 0.76
N GLU A 357 7.71 15.35 0.33
CA GLU A 357 8.24 16.70 0.60
C GLU A 357 7.29 17.77 0.05
N ASP A 358 7.33 18.96 0.67
CA ASP A 358 6.39 20.00 0.29
C ASP A 358 6.46 20.37 -1.18
N GLU A 359 7.65 20.33 -1.78
CA GLU A 359 7.77 20.71 -3.19
C GLU A 359 6.99 19.75 -4.09
N VAL A 360 7.01 18.45 -3.75
CA VAL A 360 6.20 17.50 -4.51
C VAL A 360 4.71 17.77 -4.32
N LYS A 361 4.28 18.07 -3.08
CA LYS A 361 2.86 18.37 -2.89
C LYS A 361 2.45 19.60 -3.72
N GLN A 362 3.32 20.61 -3.80
CA GLN A 362 3.04 21.77 -4.65
C GLN A 362 2.91 21.38 -6.12
N GLN A 363 3.79 20.51 -6.60
CA GLN A 363 3.63 20.02 -7.96
C GLN A 363 2.31 19.26 -8.12
N LEU A 364 1.93 18.45 -7.13
CA LEU A 364 0.66 17.72 -7.26
C LEU A 364 -0.52 18.68 -7.30
N ARG A 365 -0.46 19.75 -6.50
CA ARG A 365 -1.56 20.70 -6.52
C ARG A 365 -1.65 21.35 -7.90
N PHE A 366 -0.50 21.61 -8.52
CA PHE A 366 -0.51 22.16 -9.87
C PHE A 366 -1.11 21.17 -10.87
N ILE A 367 -0.71 19.90 -10.78
CA ILE A 367 -1.23 18.87 -11.68
C ILE A 367 -2.75 18.77 -11.55
N PHE A 368 -3.24 18.70 -10.31
CA PHE A 368 -4.68 18.57 -10.13
C PHE A 368 -5.43 19.83 -10.56
N ASP A 369 -4.97 21.00 -10.14
CA ASP A 369 -5.69 22.22 -10.52
C ASP A 369 -5.71 22.40 -12.03
N SER A 370 -4.65 21.96 -12.71
CA SER A 370 -4.62 22.02 -14.17
C SER A 370 -5.57 21.02 -14.81
N ALA A 371 -5.74 19.85 -14.20
CA ALA A 371 -6.70 18.91 -14.78
C ALA A 371 -8.14 19.14 -14.33
N SER A 372 -8.36 19.98 -13.32
CA SER A 372 -9.70 20.09 -12.74
C SER A 372 -10.79 20.46 -13.75
N PRO A 373 -10.59 21.39 -14.68
CA PRO A 373 -11.69 21.73 -15.59
C PRO A 373 -12.18 20.56 -16.44
N GLU A 374 -11.38 19.51 -16.60
CA GLU A 374 -11.78 18.37 -17.41
C GLU A 374 -12.66 17.38 -16.66
N HIS A 375 -12.98 17.65 -15.41
CA HIS A 375 -13.74 16.73 -14.58
C HIS A 375 -14.88 17.51 -13.92
N VAL A 376 -15.82 17.92 -14.76
CA VAL A 376 -17.03 18.59 -14.33
C VAL A 376 -18.22 17.88 -14.95
#